data_3WRD
#
_entry.id   3WRD
#
_cell.length_a   71.585
_cell.length_b   71.322
_cell.length_c   176.163
_cell.angle_alpha   90.000
_cell.angle_beta   90.000
_cell.angle_gamma   90.000
#
_symmetry.space_group_name_H-M   'P 21 21 21'
#
loop_
_entity.id
_entity.type
_entity.pdbx_description
1 polymer 'Kinesin heavy chain isoform 5C'
2 non-polymer 'SULFATE ION'
3 water water
#
_entity_poly.entity_id   1
_entity_poly.type   'polypeptide(L)'
_entity_poly.pdbx_seq_one_letter_code
;MADPAECSIKVMCRFRPLNEAEILRGDKFIPKFKGEETVVIGQGKPYVFDRVLPPNTTQEQVYNACAKQIVKDVLEGYNG
TIFAYGQTSSGKTHTMEGKLHDPQLMGIIPRIAHDIFDHIYSMDENLEFHIKVSYFEIYLDKIRDLLDVSKTNLAVHEDK
NRVPYVKGCTERFVSSPEEVMDVIDEGKANRHVAVTNMNEHSSRSHSIFLINIKQENVETEKKLSGKLYLVDLAGSEKVS
KTGAEGAVLDEAKNINKSLSALGNVISALAEGTKTHVPYRDSKMTRILQDSLGGNCRTTIVICCSPSVFNEAETKSTLMF
GQRAKTIKNTVSVNHHHHHHH
;
_entity_poly.pdbx_strand_id   A,B
#
loop_
_chem_comp.id
_chem_comp.type
_chem_comp.name
_chem_comp.formula
SO4 non-polymer 'SULFATE ION' 'O4 S -2'
#
# COMPACT_ATOMS: atom_id res chain seq x y z
N ALA A 5 38.59 1.59 -0.80
CA ALA A 5 38.90 0.27 -1.41
C ALA A 5 39.15 0.33 -2.91
N GLU A 6 38.46 1.22 -3.63
CA GLU A 6 38.64 1.36 -5.09
C GLU A 6 38.22 0.09 -5.86
N CYS A 7 36.97 -0.37 -5.71
CA CYS A 7 36.48 -1.55 -6.48
C CYS A 7 35.64 -1.12 -7.71
N SER A 8 35.63 -1.92 -8.77
CA SER A 8 34.91 -1.54 -10.02
C SER A 8 33.39 -1.73 -9.91
N ILE A 9 32.62 -0.97 -10.70
CA ILE A 9 31.20 -1.25 -10.90
C ILE A 9 30.98 -2.59 -11.65
N LYS A 10 30.50 -3.60 -10.94
CA LYS A 10 30.05 -4.85 -11.52
C LYS A 10 28.98 -4.56 -12.56
N VAL A 11 28.92 -5.41 -13.59
CA VAL A 11 27.83 -5.32 -14.51
C VAL A 11 27.42 -6.74 -14.92
N MET A 12 26.10 -7.02 -14.84
CA MET A 12 25.53 -8.30 -15.26
C MET A 12 24.58 -8.09 -16.40
N CYS A 13 24.42 -9.11 -17.23
CA CYS A 13 23.58 -9.00 -18.39
C CYS A 13 22.58 -10.12 -18.38
N ARG A 14 21.29 -9.73 -18.35
CA ARG A 14 20.22 -10.71 -18.33
C ARG A 14 19.35 -10.57 -19.54
N PHE A 15 19.10 -11.69 -20.18
CA PHE A 15 18.36 -11.72 -21.39
C PHE A 15 17.06 -12.34 -21.04
N ARG A 16 15.98 -11.64 -21.38
CA ARG A 16 14.68 -12.27 -21.30
C ARG A 16 14.56 -13.40 -22.30
N PRO A 17 13.54 -14.24 -22.19
CA PRO A 17 13.34 -15.11 -23.35
C PRO A 17 12.53 -14.42 -24.49
N LEU A 18 12.17 -15.17 -25.53
CA LEU A 18 11.35 -14.61 -26.61
C LEU A 18 9.89 -14.63 -26.21
N ASN A 19 9.15 -13.56 -26.53
CA ASN A 19 7.70 -13.43 -26.25
C ASN A 19 6.86 -14.12 -27.32
N GLU A 20 5.52 -14.03 -27.21
CA GLU A 20 4.63 -14.57 -28.23
C GLU A 20 4.87 -13.98 -29.62
N ALA A 21 4.66 -12.68 -29.73
CA ALA A 21 4.90 -11.96 -30.97
C ALA A 21 6.11 -12.53 -31.67
N GLU A 22 7.20 -12.64 -30.93
CA GLU A 22 8.45 -13.13 -31.46
C GLU A 22 8.34 -14.60 -31.76
N ILE A 23 7.92 -15.39 -30.78
CA ILE A 23 7.84 -16.84 -30.92
C ILE A 23 6.94 -17.17 -32.08
N LEU A 24 5.81 -16.48 -32.14
CA LEU A 24 4.86 -16.72 -33.20
C LEU A 24 5.35 -16.15 -34.53
N ARG A 25 5.95 -14.96 -34.50
CA ARG A 25 6.54 -14.35 -35.70
C ARG A 25 7.82 -15.06 -36.14
N GLY A 26 7.93 -16.35 -35.82
CA GLY A 26 9.14 -17.13 -36.10
C GLY A 26 10.33 -16.64 -35.30
N ASP A 27 10.93 -15.53 -35.76
CA ASP A 27 12.12 -14.98 -35.12
C ASP A 27 13.13 -16.07 -34.80
N LYS A 28 14.07 -15.77 -33.93
CA LYS A 28 15.10 -16.72 -33.57
C LYS A 28 16.00 -16.14 -32.49
N PHE A 29 16.74 -17.03 -31.85
CA PHE A 29 17.57 -16.63 -30.73
C PHE A 29 18.94 -16.15 -31.19
N ILE A 30 19.22 -14.88 -30.93
CA ILE A 30 20.45 -14.28 -31.40
C ILE A 30 21.64 -14.63 -30.51
N PRO A 31 21.50 -14.51 -29.17
CA PRO A 31 22.67 -14.59 -28.30
C PRO A 31 23.30 -15.96 -28.25
N LYS A 32 24.63 -15.97 -28.11
CA LYS A 32 25.35 -17.21 -27.94
C LYS A 32 26.17 -17.04 -26.66
N PHE A 33 26.00 -17.96 -25.71
CA PHE A 33 26.72 -17.83 -24.45
C PHE A 33 27.93 -18.77 -24.40
N LYS A 34 29.12 -18.20 -24.25
CA LYS A 34 30.33 -18.97 -23.98
C LYS A 34 30.93 -18.53 -22.64
N GLY A 35 31.38 -19.51 -21.86
CA GLY A 35 31.88 -19.24 -20.50
C GLY A 35 30.68 -18.76 -19.72
N GLU A 36 30.85 -18.52 -18.42
CA GLU A 36 29.75 -17.98 -17.63
C GLU A 36 29.72 -16.45 -17.51
N GLU A 37 30.39 -15.76 -18.44
CA GLU A 37 30.39 -14.30 -18.39
C GLU A 37 30.42 -13.59 -19.75
N THR A 38 30.32 -14.36 -20.82
CA THR A 38 30.50 -13.80 -22.15
C THR A 38 29.32 -14.16 -23.05
N VAL A 39 28.95 -13.19 -23.88
CA VAL A 39 27.84 -13.39 -24.78
C VAL A 39 28.30 -13.00 -26.16
N VAL A 40 27.70 -13.61 -27.18
CA VAL A 40 28.09 -13.44 -28.61
C VAL A 40 26.88 -13.27 -29.50
N ILE A 41 26.86 -12.17 -30.25
CA ILE A 41 25.76 -11.93 -31.17
C ILE A 41 26.17 -12.22 -32.61
N GLY A 42 25.56 -13.26 -33.18
CA GLY A 42 25.79 -13.64 -34.59
C GLY A 42 27.25 -13.79 -34.96
N GLN A 43 27.72 -13.00 -35.94
CA GLN A 43 29.13 -13.05 -36.36
C GLN A 43 30.05 -12.15 -35.53
N GLY A 44 29.55 -11.00 -35.08
CA GLY A 44 30.37 -9.93 -34.51
C GLY A 44 31.22 -10.24 -33.29
N LYS A 45 31.81 -9.20 -32.70
CA LYS A 45 32.66 -9.34 -31.53
C LYS A 45 31.95 -9.92 -30.28
N PRO A 46 32.71 -10.45 -29.30
CA PRO A 46 32.15 -11.11 -28.12
C PRO A 46 32.13 -10.22 -26.87
N TYR A 47 30.96 -10.05 -26.26
CA TYR A 47 30.82 -9.16 -25.11
C TYR A 47 31.03 -9.94 -23.86
N VAL A 48 31.81 -9.37 -22.96
CA VAL A 48 32.19 -10.07 -21.76
C VAL A 48 31.90 -9.26 -20.49
N PHE A 49 31.13 -9.83 -19.57
CA PHE A 49 30.75 -9.13 -18.34
C PHE A 49 31.08 -9.87 -17.04
N ASP A 50 30.66 -9.28 -15.93
CA ASP A 50 30.88 -9.90 -14.66
C ASP A 50 30.07 -11.17 -14.53
N ARG A 51 28.92 -11.21 -15.16
CA ARG A 51 28.15 -12.44 -15.29
C ARG A 51 27.15 -12.24 -16.40
N VAL A 52 26.87 -13.32 -17.14
CA VAL A 52 25.77 -13.35 -18.09
C VAL A 52 24.66 -14.34 -17.71
N LEU A 53 23.43 -13.86 -17.75
CA LEU A 53 22.33 -14.59 -17.16
C LEU A 53 21.32 -14.82 -18.26
N PRO A 54 21.29 -16.03 -18.84
CA PRO A 54 20.36 -16.34 -19.93
C PRO A 54 18.92 -16.39 -19.47
N PRO A 55 17.99 -16.54 -20.40
CA PRO A 55 16.58 -16.74 -20.04
C PRO A 55 16.31 -17.78 -18.92
N ASN A 56 16.85 -18.99 -19.05
CA ASN A 56 16.48 -20.10 -18.18
C ASN A 56 16.84 -19.89 -16.73
N THR A 57 17.72 -18.93 -16.42
CA THR A 57 18.22 -18.82 -15.06
C THR A 57 17.14 -18.17 -14.19
N THR A 58 16.89 -18.81 -13.04
CA THR A 58 15.83 -18.37 -12.15
C THR A 58 16.14 -17.04 -11.50
N GLN A 59 15.10 -16.49 -10.87
CA GLN A 59 15.26 -15.27 -10.14
C GLN A 59 16.04 -15.41 -8.87
N GLU A 60 15.77 -16.52 -8.20
CA GLU A 60 16.66 -16.87 -7.11
C GLU A 60 18.11 -16.76 -7.55
N GLN A 61 18.43 -17.39 -8.68
CA GLN A 61 19.84 -17.43 -9.11
C GLN A 61 20.28 -16.06 -9.60
N VAL A 62 19.37 -15.34 -10.26
CA VAL A 62 19.67 -13.96 -10.60
C VAL A 62 20.07 -13.20 -9.35
N TYR A 63 19.32 -13.46 -8.26
CA TYR A 63 19.58 -12.75 -7.03
C TYR A 63 20.97 -13.03 -6.51
N ASN A 64 21.30 -14.33 -6.37
CA ASN A 64 22.55 -14.69 -5.67
C ASN A 64 23.68 -14.08 -6.45
N ALA A 65 23.44 -13.95 -7.75
CA ALA A 65 24.42 -13.44 -8.67
C ALA A 65 24.69 -11.94 -8.56
N CYS A 66 23.67 -11.14 -8.25
CA CYS A 66 23.86 -9.68 -8.32
C CYS A 66 23.55 -8.97 -7.05
N ALA A 67 22.49 -9.36 -6.37
CA ALA A 67 22.08 -8.61 -5.17
C ALA A 67 22.83 -9.07 -3.96
N LYS A 68 22.76 -10.39 -3.72
CA LYS A 68 23.23 -11.04 -2.47
C LYS A 68 24.43 -10.37 -1.88
N GLN A 69 25.47 -10.19 -2.68
CA GLN A 69 26.62 -9.46 -2.16
C GLN A 69 26.32 -8.03 -1.72
N ILE A 70 25.81 -7.18 -2.63
CA ILE A 70 25.45 -5.79 -2.26
C ILE A 70 24.79 -5.66 -0.88
N VAL A 71 23.89 -6.59 -0.54
CA VAL A 71 23.26 -6.64 0.77
C VAL A 71 24.24 -6.85 1.96
N LYS A 72 25.07 -7.91 1.94
CA LYS A 72 26.09 -8.14 2.98
C LYS A 72 26.95 -6.89 3.19
N ASP A 73 27.18 -6.16 2.10
CA ASP A 73 28.00 -4.96 2.11
C ASP A 73 27.34 -3.82 2.92
N VAL A 74 26.13 -3.43 2.54
CA VAL A 74 25.36 -2.41 3.27
C VAL A 74 25.34 -2.63 4.78
N LEU A 75 25.15 -3.89 5.17
CA LEU A 75 25.21 -4.29 6.56
C LEU A 75 26.60 -4.19 7.14
N GLU A 76 27.62 -4.03 6.30
CA GLU A 76 28.98 -3.90 6.79
C GLU A 76 29.32 -2.42 6.96
N GLY A 77 28.49 -1.54 6.39
CA GLY A 77 28.71 -0.09 6.47
C GLY A 77 28.75 0.65 5.14
N TYR A 78 29.00 -0.05 4.04
CA TYR A 78 29.09 0.64 2.74
C TYR A 78 27.69 0.94 2.18
N ASN A 79 27.60 1.90 1.26
CA ASN A 79 26.36 2.10 0.49
C ASN A 79 26.33 1.13 -0.67
N GLY A 80 25.17 1.04 -1.32
CA GLY A 80 24.99 0.13 -2.45
C GLY A 80 23.87 0.57 -3.38
N THR A 81 24.04 0.34 -4.67
CA THR A 81 22.99 0.62 -5.64
C THR A 81 22.92 -0.48 -6.66
N ILE A 82 21.71 -0.92 -6.97
CA ILE A 82 21.57 -1.92 -7.93
C ILE A 82 20.49 -1.47 -8.85
N PHE A 83 20.84 -0.92 -9.99
CA PHE A 83 19.76 -0.60 -10.91
C PHE A 83 19.73 -1.46 -12.16
N ALA A 84 18.61 -1.39 -12.88
CA ALA A 84 18.43 -2.18 -14.11
C ALA A 84 18.21 -1.25 -15.29
N TYR A 85 19.15 -1.29 -16.23
CA TYR A 85 19.13 -0.48 -17.43
C TYR A 85 18.66 -1.39 -18.55
N GLY A 86 18.06 -0.83 -19.59
CA GLY A 86 17.65 -1.63 -20.73
C GLY A 86 16.44 -1.05 -21.41
N GLN A 87 16.24 -1.45 -22.65
CA GLN A 87 15.13 -0.96 -23.45
C GLN A 87 13.84 -1.56 -22.93
N THR A 88 12.74 -0.89 -23.20
CA THR A 88 11.47 -1.30 -22.65
C THR A 88 11.21 -2.75 -22.99
N SER A 89 10.35 -3.36 -22.20
CA SER A 89 10.01 -4.76 -22.35
C SER A 89 11.16 -5.76 -22.23
N SER A 90 12.35 -5.30 -21.86
CA SER A 90 13.51 -6.18 -21.85
C SER A 90 13.57 -7.10 -20.64
N GLY A 91 13.11 -6.63 -19.49
CA GLY A 91 13.08 -7.42 -18.24
C GLY A 91 13.33 -6.68 -16.93
N LYS A 92 13.61 -5.38 -17.01
CA LYS A 92 13.94 -4.55 -15.84
C LYS A 92 12.97 -4.75 -14.66
N THR A 93 11.69 -4.62 -14.93
CA THR A 93 10.74 -4.61 -13.85
C THR A 93 10.58 -6.03 -13.35
N HIS A 94 10.83 -6.99 -14.19
CA HIS A 94 10.72 -8.36 -13.74
C HIS A 94 11.90 -8.76 -12.90
N THR A 95 13.05 -8.14 -13.16
CA THR A 95 14.25 -8.54 -12.46
C THR A 95 14.38 -7.75 -11.18
N MET A 96 13.95 -6.48 -11.19
CA MET A 96 14.02 -5.59 -10.01
C MET A 96 12.97 -5.85 -8.97
N GLU A 97 11.79 -6.30 -9.42
CA GLU A 97 10.70 -6.62 -8.49
C GLU A 97 9.91 -7.90 -8.71
N GLY A 98 9.70 -8.29 -9.96
CA GLY A 98 9.19 -9.63 -10.23
C GLY A 98 7.82 -9.72 -9.61
N LYS A 99 7.25 -10.92 -9.55
CA LYS A 99 5.92 -11.10 -8.98
C LYS A 99 6.07 -11.03 -7.49
N LEU A 100 5.72 -9.86 -6.97
CA LEU A 100 6.02 -9.43 -5.61
C LEU A 100 5.82 -10.44 -4.51
N HIS A 101 4.77 -11.25 -4.63
CA HIS A 101 4.43 -12.12 -3.52
C HIS A 101 4.67 -13.61 -3.81
N ASP A 102 5.02 -13.93 -5.05
CA ASP A 102 5.40 -15.31 -5.35
C ASP A 102 6.80 -15.71 -4.85
N PRO A 103 6.90 -16.77 -4.02
CA PRO A 103 8.22 -17.10 -3.47
C PRO A 103 9.24 -17.50 -4.53
N GLN A 104 8.74 -17.95 -5.71
CA GLN A 104 9.55 -18.34 -6.86
C GLN A 104 9.75 -17.16 -7.79
N LEU A 105 8.64 -16.56 -8.24
CA LEU A 105 8.68 -15.46 -9.22
C LEU A 105 9.07 -14.07 -8.69
N MET A 106 9.24 -13.90 -7.39
CA MET A 106 9.56 -12.56 -6.87
C MET A 106 10.96 -12.12 -7.26
N GLY A 107 11.03 -10.88 -7.77
CA GLY A 107 12.28 -10.17 -8.06
C GLY A 107 13.21 -9.83 -6.89
N ILE A 108 14.02 -8.78 -7.10
CA ILE A 108 15.21 -8.52 -6.28
C ILE A 108 14.89 -7.80 -4.99
N ILE A 109 14.23 -6.66 -5.14
CA ILE A 109 13.79 -5.85 -4.02
C ILE A 109 13.20 -6.69 -2.89
N PRO A 110 12.16 -7.51 -3.18
CA PRO A 110 11.62 -8.27 -2.08
C PRO A 110 12.69 -9.22 -1.56
N ARG A 111 13.38 -9.93 -2.44
CA ARG A 111 14.41 -10.84 -1.91
C ARG A 111 15.41 -10.13 -1.02
N ILE A 112 15.70 -8.85 -1.28
CA ILE A 112 16.68 -8.11 -0.51
C ILE A 112 16.00 -7.81 0.80
N ALA A 113 14.72 -7.48 0.69
CA ALA A 113 13.95 -7.31 1.89
C ALA A 113 14.19 -8.50 2.82
N HIS A 114 14.01 -9.72 2.33
CA HIS A 114 14.11 -10.89 3.20
C HIS A 114 15.56 -11.11 3.64
N ASP A 115 16.50 -10.73 2.82
CA ASP A 115 17.87 -11.08 3.11
C ASP A 115 18.37 -10.17 4.20
N ILE A 116 18.03 -8.89 4.08
CA ILE A 116 18.44 -7.90 5.06
C ILE A 116 18.03 -8.37 6.45
N PHE A 117 16.80 -8.86 6.55
CA PHE A 117 16.22 -9.13 7.83
C PHE A 117 16.67 -10.43 8.36
N ASP A 118 16.65 -11.47 7.51
CA ASP A 118 17.22 -12.80 7.85
C ASP A 118 18.58 -12.55 8.45
N HIS A 119 19.32 -11.61 7.87
CA HIS A 119 20.62 -11.30 8.37
C HIS A 119 20.64 -10.65 9.74
N ILE A 120 19.92 -9.56 9.92
CA ILE A 120 19.79 -8.84 11.21
C ILE A 120 19.33 -9.79 12.34
N TYR A 121 18.12 -10.35 12.21
CA TYR A 121 17.54 -11.23 13.20
C TYR A 121 18.56 -12.13 13.88
N SER A 122 19.56 -12.52 13.11
CA SER A 122 20.49 -13.52 13.57
C SER A 122 21.58 -12.91 14.38
N MET A 123 21.78 -11.60 14.25
CA MET A 123 22.87 -10.91 14.94
C MET A 123 22.62 -10.79 16.45
N ASP A 124 23.66 -10.39 17.19
CA ASP A 124 23.65 -10.29 18.65
C ASP A 124 22.63 -9.27 19.11
N GLU A 125 22.26 -9.35 20.38
CA GLU A 125 21.25 -8.47 20.98
C GLU A 125 21.65 -7.02 20.90
N ASN A 126 22.93 -6.74 21.08
CA ASN A 126 23.41 -5.36 20.95
C ASN A 126 23.27 -4.87 19.53
N LEU A 127 23.77 -3.67 19.28
CA LEU A 127 23.70 -3.10 17.94
C LEU A 127 22.28 -3.20 17.36
N GLU A 128 21.49 -2.19 17.63
CA GLU A 128 20.14 -2.17 17.11
C GLU A 128 20.20 -1.59 15.72
N PHE A 129 19.19 -1.89 14.93
CA PHE A 129 19.21 -1.45 13.55
C PHE A 129 18.01 -0.55 13.30
N HIS A 130 18.26 0.60 12.71
CA HIS A 130 17.16 1.46 12.28
C HIS A 130 17.01 1.51 10.77
N ILE A 131 16.04 0.77 10.26
CA ILE A 131 15.84 0.74 8.83
C ILE A 131 14.63 1.58 8.47
N LYS A 132 14.82 2.49 7.53
CA LYS A 132 13.74 3.37 7.07
C LYS A 132 13.73 3.41 5.56
N VAL A 133 12.62 3.02 4.97
CA VAL A 133 12.57 3.02 3.53
C VAL A 133 11.84 4.24 3.01
N SER A 134 12.11 4.61 1.76
CA SER A 134 11.37 5.68 1.10
C SER A 134 11.21 5.19 -0.32
N TYR A 135 10.21 5.73 -1.02
CA TYR A 135 9.86 5.23 -2.32
C TYR A 135 9.38 6.40 -3.15
N PHE A 136 9.88 6.51 -4.38
CA PHE A 136 9.44 7.57 -5.29
C PHE A 136 9.92 7.32 -6.69
N GLU A 137 9.15 7.85 -7.63
CA GLU A 137 9.40 7.67 -9.06
C GLU A 137 9.67 9.00 -9.75
N ILE A 138 10.50 8.98 -10.80
CA ILE A 138 10.82 10.19 -11.54
C ILE A 138 10.11 10.19 -12.87
N TYR A 139 9.75 11.39 -13.32
CA TYR A 139 9.05 11.59 -14.58
C TYR A 139 9.18 13.05 -15.11
N LEU A 140 9.89 13.20 -16.23
CA LEU A 140 10.22 14.52 -16.75
C LEU A 140 10.95 15.15 -15.60
N ASP A 141 12.26 15.07 -15.68
CA ASP A 141 13.17 15.72 -14.73
C ASP A 141 12.66 16.06 -13.32
N LYS A 142 11.45 15.63 -12.97
CA LYS A 142 10.92 15.99 -11.66
C LYS A 142 10.46 14.78 -10.85
N ILE A 143 10.57 14.89 -9.53
CA ILE A 143 10.28 13.77 -8.62
C ILE A 143 8.80 13.62 -8.34
N ARG A 144 8.49 12.70 -7.42
CA ARG A 144 7.13 12.41 -7.01
C ARG A 144 7.07 11.32 -5.95
N ASP A 145 6.79 11.69 -4.70
CA ASP A 145 6.69 10.71 -3.63
C ASP A 145 5.65 9.66 -3.99
N LEU A 146 6.00 8.38 -3.82
CA LEU A 146 5.12 7.28 -4.17
C LEU A 146 4.29 6.94 -2.95
N LEU A 147 4.85 7.25 -1.80
CA LEU A 147 4.19 7.03 -0.54
C LEU A 147 3.30 8.23 -0.10
N ASP A 148 3.39 9.36 -0.81
CA ASP A 148 2.56 10.54 -0.53
C ASP A 148 2.20 11.24 -1.85
N VAL A 149 1.20 10.74 -2.57
CA VAL A 149 0.86 11.29 -3.89
C VAL A 149 0.66 12.81 -3.88
N SER A 150 0.06 13.34 -2.83
CA SER A 150 -0.08 14.81 -2.70
C SER A 150 1.18 15.48 -3.21
N LYS A 151 2.33 15.06 -2.69
CA LYS A 151 3.60 15.68 -3.07
C LYS A 151 4.16 15.24 -4.42
N THR A 152 4.52 16.23 -5.23
CA THR A 152 5.25 16.00 -6.47
C THR A 152 6.24 17.14 -6.64
N ASN A 153 7.35 16.84 -7.31
CA ASN A 153 8.36 17.84 -7.63
C ASN A 153 9.23 18.17 -6.44
N LEU A 154 9.35 17.25 -5.49
CA LEU A 154 10.25 17.48 -4.36
C LEU A 154 11.63 17.73 -4.95
N ALA A 155 12.63 18.02 -4.13
CA ALA A 155 13.93 18.34 -4.69
C ALA A 155 15.12 17.81 -3.89
N VAL A 156 16.31 17.97 -4.46
CA VAL A 156 17.52 17.37 -3.96
C VAL A 156 18.41 18.32 -3.17
N HIS A 157 19.33 17.75 -2.38
CA HIS A 157 20.28 18.55 -1.65
C HIS A 157 21.57 17.84 -1.30
N GLU A 158 22.43 18.58 -0.63
CA GLU A 158 23.69 18.04 -0.24
C GLU A 158 23.69 18.06 1.28
N ASP A 159 23.92 16.89 1.86
CA ASP A 159 23.84 16.70 3.30
C ASP A 159 24.84 17.57 4.02
N LYS A 160 25.05 17.26 5.30
CA LYS A 160 26.21 17.74 6.05
C LYS A 160 27.47 17.54 5.20
N ASN A 161 27.85 16.26 5.04
CA ASN A 161 29.02 15.93 4.22
C ASN A 161 28.92 16.51 2.81
N ARG A 162 27.77 17.10 2.49
CA ARG A 162 27.60 17.76 1.21
C ARG A 162 27.63 16.73 0.07
N VAL A 163 26.58 15.92 0.02
CA VAL A 163 26.34 14.91 -1.02
C VAL A 163 24.83 14.99 -1.24
N PRO A 164 24.34 14.57 -2.42
CA PRO A 164 22.94 14.89 -2.64
C PRO A 164 21.96 13.93 -1.99
N TYR A 165 20.69 14.31 -2.02
CA TYR A 165 19.60 13.52 -1.44
C TYR A 165 18.27 14.21 -1.72
N VAL A 166 17.27 13.41 -2.04
CA VAL A 166 15.93 13.93 -2.18
C VAL A 166 15.45 14.34 -0.80
N LYS A 167 15.01 15.59 -0.71
CA LYS A 167 14.61 16.16 0.57
C LYS A 167 13.11 16.19 0.63
N GLY A 168 12.60 15.99 1.83
CA GLY A 168 11.17 16.05 2.08
C GLY A 168 10.50 14.75 1.69
N CYS A 169 11.24 13.66 1.82
CA CYS A 169 10.78 12.40 1.31
C CYS A 169 10.18 11.65 2.45
N THR A 170 9.01 11.03 2.22
CA THR A 170 8.26 10.34 3.28
C THR A 170 8.93 9.03 3.76
N GLU A 171 9.83 9.12 4.72
CA GLU A 171 10.55 7.92 5.11
C GLU A 171 9.83 7.05 6.12
N ARG A 172 9.31 5.92 5.63
CA ARG A 172 8.70 4.87 6.45
C ARG A 172 9.66 3.94 7.19
N PHE A 173 9.24 3.46 8.35
CA PHE A 173 10.08 2.59 9.17
C PHE A 173 9.59 1.16 9.16
N VAL A 174 10.55 0.25 9.17
CA VAL A 174 10.26 -1.14 8.94
C VAL A 174 11.09 -1.94 9.91
N SER A 175 10.51 -3.04 10.34
CA SER A 175 11.12 -3.93 11.31
C SER A 175 11.03 -5.38 10.81
N SER A 176 10.37 -5.58 9.65
CA SER A 176 10.32 -6.88 9.08
C SER A 176 10.11 -6.78 7.57
N PRO A 177 10.62 -7.77 6.84
CA PRO A 177 10.49 -7.78 5.39
C PRO A 177 9.06 -7.55 4.97
N GLU A 178 8.11 -7.87 5.84
CA GLU A 178 6.72 -7.74 5.48
C GLU A 178 6.36 -6.28 5.31
N GLU A 179 6.75 -5.48 6.28
CA GLU A 179 6.52 -4.05 6.20
C GLU A 179 6.99 -3.54 4.83
N VAL A 180 8.26 -3.77 4.56
CA VAL A 180 8.89 -3.34 3.32
C VAL A 180 8.00 -3.72 2.17
N MET A 181 7.33 -4.84 2.34
CA MET A 181 6.49 -5.31 1.29
C MET A 181 5.26 -4.44 1.14
N ASP A 182 4.62 -4.17 2.28
CA ASP A 182 3.41 -3.38 2.32
C ASP A 182 3.69 -2.02 1.69
N VAL A 183 4.70 -1.36 2.27
CA VAL A 183 5.19 -0.15 1.69
C VAL A 183 5.27 -0.22 0.17
N ILE A 184 5.82 -1.29 -0.41
CA ILE A 184 5.89 -1.28 -1.85
C ILE A 184 4.52 -1.35 -2.44
N ASP A 185 3.67 -2.14 -1.81
CA ASP A 185 2.34 -2.26 -2.32
C ASP A 185 1.60 -0.93 -2.24
N GLU A 186 1.84 -0.18 -1.18
CA GLU A 186 1.22 1.12 -1.05
C GLU A 186 1.50 1.93 -2.29
N GLY A 187 2.79 2.20 -2.52
CA GLY A 187 3.23 2.94 -3.68
C GLY A 187 2.52 2.51 -4.94
N LYS A 188 2.66 1.25 -5.30
CA LYS A 188 2.09 0.78 -6.56
C LYS A 188 0.61 1.10 -6.64
N ALA A 189 -0.01 1.28 -5.50
CA ALA A 189 -1.40 1.64 -5.47
C ALA A 189 -1.47 3.17 -5.66
N ASN A 190 -0.93 3.91 -4.70
CA ASN A 190 -0.84 5.37 -4.77
C ASN A 190 -0.45 5.87 -6.15
N ARG A 191 0.01 4.95 -6.98
CA ARG A 191 0.39 5.25 -8.32
C ARG A 191 -0.89 5.19 -9.13
N HIS A 192 -1.65 4.11 -8.93
CA HIS A 192 -2.84 3.83 -9.72
C HIS A 192 -3.83 5.00 -9.75
N VAL A 193 -3.61 6.01 -8.91
CA VAL A 193 -4.34 7.30 -8.94
C VAL A 193 -3.62 8.27 -9.95
N ALA A 194 -3.75 8.00 -11.26
CA ALA A 194 -2.92 8.67 -12.29
C ALA A 194 -3.44 8.43 -13.71
N VAL A 195 -3.50 9.50 -14.50
CA VAL A 195 -4.14 9.46 -15.84
C VAL A 195 -3.22 9.83 -17.02
N THR A 196 -2.49 8.82 -17.52
CA THR A 196 -1.73 8.96 -18.76
C THR A 196 -0.85 7.77 -19.21
N ASN A 197 -1.05 6.51 -18.75
CA ASN A 197 -2.11 6.05 -17.85
C ASN A 197 -1.58 5.00 -16.87
N MET A 198 -0.50 4.32 -17.29
CA MET A 198 0.10 3.25 -16.50
C MET A 198 1.28 2.69 -17.28
N ASN A 199 1.00 1.69 -18.11
CA ASN A 199 1.99 1.14 -19.00
C ASN A 199 2.73 2.28 -19.71
N GLU A 200 1.95 3.24 -20.21
CA GLU A 200 2.53 4.42 -20.81
C GLU A 200 3.36 5.10 -19.73
N HIS A 201 2.69 5.51 -18.65
CA HIS A 201 3.30 6.28 -17.57
C HIS A 201 4.68 5.75 -17.22
N SER A 202 4.74 4.47 -16.84
CA SER A 202 6.00 3.86 -16.44
C SER A 202 7.01 4.12 -17.54
N SER A 203 6.92 3.29 -18.58
CA SER A 203 7.63 3.43 -19.86
C SER A 203 8.74 4.47 -19.89
N ARG A 204 8.47 5.63 -19.32
CA ARG A 204 9.48 6.67 -19.20
C ARG A 204 9.60 7.13 -17.76
N SER A 205 9.25 6.27 -16.83
CA SER A 205 9.28 6.63 -15.43
C SER A 205 10.15 5.66 -14.65
N HIS A 206 11.23 6.17 -14.07
CA HIS A 206 12.09 5.33 -13.26
C HIS A 206 11.62 5.37 -11.81
N SER A 207 11.44 4.22 -11.19
CA SER A 207 11.02 4.18 -9.80
C SER A 207 12.20 3.89 -8.90
N ILE A 208 12.32 4.66 -7.83
CA ILE A 208 13.44 4.47 -6.90
C ILE A 208 12.96 3.98 -5.54
N PHE A 209 13.50 2.86 -5.11
CA PHE A 209 13.23 2.38 -3.75
C PHE A 209 14.44 2.49 -2.81
N LEU A 210 14.34 3.30 -1.74
CA LEU A 210 15.51 3.58 -0.90
C LEU A 210 15.40 2.83 0.36
N ILE A 211 16.49 2.22 0.79
CA ILE A 211 16.49 1.50 2.06
C ILE A 211 17.65 2.02 2.84
N ASN A 212 17.35 2.88 3.81
CA ASN A 212 18.39 3.46 4.63
C ASN A 212 18.58 2.60 5.87
N ILE A 213 19.69 1.89 5.89
CA ILE A 213 19.95 0.96 6.97
C ILE A 213 20.96 1.52 7.92
N LYS A 214 20.53 1.78 9.15
CA LYS A 214 21.46 2.32 10.16
C LYS A 214 21.55 1.40 11.36
N GLN A 215 22.76 1.13 11.82
CA GLN A 215 22.92 0.33 13.04
C GLN A 215 23.90 0.97 14.01
N GLU A 216 23.68 0.76 15.31
CA GLU A 216 24.68 1.11 16.34
C GLU A 216 24.71 0.03 17.39
N ASN A 217 25.90 -0.53 17.65
CA ASN A 217 26.07 -1.46 18.76
C ASN A 217 26.09 -0.70 20.08
N VAL A 218 25.12 -0.97 20.94
CA VAL A 218 24.90 -0.11 22.10
C VAL A 218 26.06 -0.21 23.09
N GLU A 219 26.43 -1.47 23.36
CA GLU A 219 27.55 -1.79 24.23
C GLU A 219 28.82 -0.99 23.92
N THR A 220 29.47 -1.23 22.77
CA THR A 220 30.65 -0.44 22.32
C THR A 220 30.31 0.94 21.71
N GLU A 221 29.03 1.26 21.54
CA GLU A 221 28.60 2.56 20.96
C GLU A 221 29.19 2.94 19.59
N LYS A 222 29.85 1.98 18.93
CA LYS A 222 30.34 2.10 17.55
C LYS A 222 29.19 2.02 16.54
N LYS A 223 28.92 3.09 15.82
CA LYS A 223 27.83 3.09 14.82
C LYS A 223 28.25 2.62 13.39
N LEU A 224 27.26 2.53 12.48
CA LEU A 224 27.45 2.24 11.04
C LEU A 224 26.23 2.68 10.26
N SER A 225 26.32 2.80 8.93
CA SER A 225 25.14 3.13 8.13
C SER A 225 25.34 3.01 6.61
N GLY A 226 24.24 3.01 5.84
CA GLY A 226 24.28 3.01 4.39
C GLY A 226 22.94 3.15 3.65
N LYS A 227 22.95 3.88 2.53
CA LYS A 227 21.77 3.99 1.69
C LYS A 227 21.84 2.96 0.57
N LEU A 228 20.76 2.23 0.33
CA LEU A 228 20.81 1.18 -0.68
C LEU A 228 19.74 1.40 -1.71
N TYR A 229 20.15 1.86 -2.87
CA TYR A 229 19.19 2.20 -3.89
C TYR A 229 18.83 1.03 -4.75
N LEU A 230 17.54 0.94 -5.06
CA LEU A 230 17.04 -0.07 -5.90
C LEU A 230 16.25 0.61 -7.01
N VAL A 231 16.99 1.21 -7.93
CA VAL A 231 16.39 1.90 -9.06
C VAL A 231 15.97 0.93 -10.13
N ASP A 232 14.79 1.18 -10.69
CA ASP A 232 14.28 0.48 -11.88
C ASP A 232 14.05 1.53 -12.98
N LEU A 233 15.10 1.78 -13.78
CA LEU A 233 15.07 2.80 -14.87
C LEU A 233 13.95 2.55 -15.85
N ALA A 234 13.59 3.59 -16.60
CA ALA A 234 12.63 3.41 -17.68
C ALA A 234 13.38 3.12 -18.97
N GLY A 235 12.65 2.81 -20.05
CA GLY A 235 13.24 2.53 -21.36
C GLY A 235 14.48 3.34 -21.67
N SER A 236 15.33 2.76 -22.50
CA SER A 236 16.55 3.44 -22.90
C SER A 236 16.50 3.72 -24.42
N GLU A 237 15.58 3.03 -25.09
CA GLU A 237 15.41 3.14 -26.53
C GLU A 237 15.27 4.60 -26.95
N LYS A 238 15.92 4.98 -28.04
CA LYS A 238 15.52 6.15 -28.81
C LYS A 238 14.62 5.57 -29.89
N LYS A 257 14.99 10.93 -21.50
CA LYS A 257 15.93 12.05 -21.59
C LYS A 257 16.95 12.12 -20.44
N SER A 258 16.60 11.55 -19.28
CA SER A 258 17.56 11.44 -18.16
C SER A 258 18.61 10.37 -18.48
N LEU A 259 18.23 9.40 -19.29
CA LEU A 259 19.18 8.41 -19.73
C LEU A 259 20.42 9.12 -20.19
N SER A 260 20.26 9.89 -21.27
CA SER A 260 21.32 10.67 -21.90
C SER A 260 22.16 11.28 -20.80
N ALA A 261 21.48 11.86 -19.82
CA ALA A 261 22.17 12.37 -18.66
C ALA A 261 23.01 11.23 -18.10
N LEU A 262 22.33 10.15 -17.76
CA LEU A 262 23.00 8.97 -17.26
C LEU A 262 24.12 8.59 -18.21
N GLY A 263 23.73 8.25 -19.44
CA GLY A 263 24.66 7.79 -20.47
C GLY A 263 25.96 8.56 -20.49
N ASN A 264 25.87 9.88 -20.52
CA ASN A 264 27.04 10.72 -20.52
C ASN A 264 27.75 10.56 -19.20
N VAL A 265 26.98 10.72 -18.14
CA VAL A 265 27.53 10.75 -16.81
C VAL A 265 28.44 9.56 -16.58
N ILE A 266 28.31 8.54 -17.42
CA ILE A 266 29.17 7.40 -17.28
C ILE A 266 30.26 7.47 -18.33
N SER A 267 29.81 7.57 -19.58
CA SER A 267 30.68 7.76 -20.73
C SER A 267 31.77 8.75 -20.38
N ALA A 268 31.46 9.66 -19.46
CA ALA A 268 32.46 10.58 -18.95
C ALA A 268 33.13 9.94 -17.76
N LEU A 269 33.22 8.61 -17.77
CA LEU A 269 33.76 7.89 -16.63
C LEU A 269 34.60 6.73 -17.11
N ALA A 270 34.36 6.29 -18.34
CA ALA A 270 35.13 5.24 -18.93
C ALA A 270 36.61 5.60 -18.84
N GLU A 271 36.95 6.72 -19.44
CA GLU A 271 38.32 7.22 -19.41
C GLU A 271 38.47 8.31 -18.38
N LYS A 274 40.34 12.75 -15.37
CA LYS A 274 40.47 14.20 -15.32
C LYS A 274 39.28 14.92 -15.96
N THR A 275 38.54 14.23 -16.81
CA THR A 275 37.35 14.81 -17.43
C THR A 275 36.40 15.34 -16.35
N HIS A 276 35.34 16.04 -16.76
CA HIS A 276 34.35 16.49 -15.79
C HIS A 276 32.94 16.03 -16.08
N VAL A 277 32.35 15.45 -15.05
CA VAL A 277 31.11 14.69 -15.12
C VAL A 277 29.89 15.56 -14.80
N PRO A 278 28.93 15.58 -15.74
CA PRO A 278 27.73 16.43 -15.71
C PRO A 278 26.54 15.84 -14.91
N TYR A 279 26.83 15.28 -13.74
CA TYR A 279 25.81 14.83 -12.78
C TYR A 279 24.58 15.71 -12.85
N ARG A 280 24.85 17.01 -12.79
CA ARG A 280 23.82 18.03 -12.77
C ARG A 280 22.85 17.99 -13.98
N ASP A 281 23.17 17.20 -15.01
CA ASP A 281 22.32 17.10 -16.21
C ASP A 281 20.90 16.67 -15.90
N SER A 282 20.76 15.90 -14.81
CA SER A 282 19.47 15.37 -14.35
C SER A 282 19.58 15.07 -12.87
N LYS A 283 18.45 15.17 -12.18
CA LYS A 283 18.38 14.95 -10.75
C LYS A 283 18.89 13.56 -10.43
N MET A 284 18.12 12.59 -10.92
CA MET A 284 18.47 11.18 -10.99
C MET A 284 19.95 10.98 -10.87
N THR A 285 20.63 11.30 -11.95
CA THR A 285 22.08 11.42 -12.01
C THR A 285 22.59 12.05 -10.73
N ARG A 286 22.14 13.27 -10.50
CA ARG A 286 22.55 14.02 -9.34
C ARG A 286 22.36 13.16 -8.10
N ILE A 287 21.48 12.18 -8.20
CA ILE A 287 21.11 11.38 -7.05
C ILE A 287 22.07 10.24 -6.86
N LEU A 288 22.15 9.40 -7.87
CA LEU A 288 23.00 8.24 -7.81
C LEU A 288 24.40 8.70 -8.12
N GLN A 289 24.65 9.96 -7.79
CA GLN A 289 25.93 10.51 -8.08
C GLN A 289 27.03 9.73 -7.38
N ASP A 290 26.82 9.41 -6.13
CA ASP A 290 27.84 8.73 -5.37
C ASP A 290 27.93 7.25 -5.78
N SER A 291 26.86 6.76 -6.42
CA SER A 291 26.81 5.38 -6.94
C SER A 291 27.60 5.23 -8.23
N LEU A 292 27.81 6.34 -8.92
CA LEU A 292 28.62 6.32 -10.13
C LEU A 292 30.02 6.86 -9.83
N GLY A 293 30.10 7.89 -8.99
CA GLY A 293 31.41 8.43 -8.66
C GLY A 293 31.78 8.41 -7.19
N GLY A 294 30.99 7.74 -6.36
CA GLY A 294 31.19 7.87 -4.93
C GLY A 294 31.40 6.60 -4.15
N ASN A 295 31.95 6.75 -2.95
CA ASN A 295 32.12 5.64 -2.01
C ASN A 295 30.83 4.84 -1.96
N CYS A 296 30.64 4.00 -2.98
CA CYS A 296 29.42 3.19 -3.11
C CYS A 296 29.62 1.95 -3.97
N ARG A 297 29.30 0.77 -3.43
CA ARG A 297 29.34 -0.45 -4.25
C ARG A 297 28.13 -0.47 -5.19
N THR A 298 28.37 -0.55 -6.49
CA THR A 298 27.29 -0.50 -7.49
C THR A 298 27.27 -1.64 -8.49
N THR A 299 26.09 -2.18 -8.77
CA THR A 299 25.95 -3.17 -9.80
C THR A 299 24.87 -2.77 -10.76
N ILE A 300 25.03 -3.16 -12.01
CA ILE A 300 24.06 -2.84 -13.03
C ILE A 300 23.61 -4.10 -13.73
N VAL A 301 22.30 -4.23 -13.90
CA VAL A 301 21.72 -5.38 -14.56
C VAL A 301 21.09 -4.86 -15.84
N ILE A 302 21.76 -5.12 -16.94
CA ILE A 302 21.32 -4.71 -18.25
C ILE A 302 20.42 -5.81 -18.79
N CYS A 303 19.20 -5.46 -19.15
CA CYS A 303 18.26 -6.47 -19.58
C CYS A 303 18.15 -6.31 -21.06
N CYS A 304 18.15 -7.44 -21.76
CA CYS A 304 18.20 -7.50 -23.22
C CYS A 304 17.12 -8.42 -23.80
N SER A 305 16.93 -8.30 -25.10
CA SER A 305 16.00 -9.16 -25.82
C SER A 305 16.74 -10.03 -26.82
N PRO A 306 16.37 -11.32 -26.89
CA PRO A 306 17.07 -12.27 -27.76
C PRO A 306 16.68 -12.18 -29.25
N SER A 307 15.46 -11.71 -29.53
CA SER A 307 14.97 -11.56 -30.91
C SER A 307 15.70 -10.48 -31.69
N VAL A 308 16.14 -10.82 -32.90
CA VAL A 308 16.84 -9.85 -33.74
C VAL A 308 16.01 -8.57 -33.98
N PHE A 309 14.71 -8.66 -33.69
CA PHE A 309 13.79 -7.52 -33.79
C PHE A 309 14.36 -6.28 -33.09
N ASN A 310 15.41 -6.47 -32.28
CA ASN A 310 16.00 -5.38 -31.53
C ASN A 310 17.49 -5.51 -31.48
N GLU A 311 18.08 -6.21 -32.45
CA GLU A 311 19.53 -6.36 -32.48
C GLU A 311 20.23 -5.02 -32.27
N ALA A 312 19.63 -3.95 -32.76
CA ALA A 312 20.20 -2.64 -32.56
C ALA A 312 20.37 -2.40 -31.07
N GLU A 313 19.36 -1.81 -30.45
CA GLU A 313 19.40 -1.53 -29.02
C GLU A 313 20.35 -2.49 -28.30
N THR A 314 20.33 -3.76 -28.72
CA THR A 314 21.19 -4.76 -28.11
C THR A 314 22.64 -4.32 -28.10
N LYS A 315 23.07 -3.69 -29.19
CA LYS A 315 24.44 -3.19 -29.31
C LYS A 315 24.67 -2.03 -28.36
N SER A 316 23.76 -1.06 -28.37
CA SER A 316 23.87 0.11 -27.51
C SER A 316 23.86 -0.29 -26.04
N THR A 317 22.90 -1.12 -25.67
CA THR A 317 22.78 -1.59 -24.31
C THR A 317 24.10 -2.20 -23.87
N LEU A 318 24.39 -3.38 -24.41
CA LEU A 318 25.65 -4.07 -24.17
C LEU A 318 26.79 -3.08 -24.11
N MET A 319 26.82 -2.22 -25.11
CA MET A 319 27.87 -1.25 -25.21
C MET A 319 27.82 -0.43 -23.98
N PHE A 320 26.61 -0.19 -23.50
CA PHE A 320 26.42 0.67 -22.35
C PHE A 320 26.97 0.00 -21.12
N GLY A 321 26.68 -1.29 -20.99
CA GLY A 321 27.16 -2.04 -19.84
C GLY A 321 28.67 -2.07 -19.91
N GLN A 322 29.17 -2.45 -21.08
CA GLN A 322 30.58 -2.50 -21.34
C GLN A 322 31.30 -1.29 -20.76
N ARG A 323 30.92 -0.11 -21.24
CA ARG A 323 31.55 1.11 -20.78
C ARG A 323 31.56 1.18 -19.26
N ALA A 324 30.47 0.76 -18.64
CA ALA A 324 30.32 0.95 -17.22
C ALA A 324 31.35 0.12 -16.47
N LYS A 325 31.48 -1.15 -16.86
CA LYS A 325 32.39 -2.12 -16.23
C LYS A 325 33.79 -1.55 -15.96
N THR A 326 34.17 -0.56 -16.78
CA THR A 326 35.44 0.14 -16.67
C THR A 326 35.45 1.05 -15.44
N ILE A 327 34.42 1.90 -15.30
CA ILE A 327 34.32 2.91 -14.23
C ILE A 327 34.58 2.34 -12.84
N LYS A 328 35.60 2.84 -12.17
CA LYS A 328 35.96 2.37 -10.83
C LYS A 328 35.55 3.35 -9.73
N ASN A 329 35.02 2.81 -8.63
CA ASN A 329 34.53 3.63 -7.55
C ASN A 329 35.42 3.47 -6.34
N THR A 330 35.45 4.50 -5.52
CA THR A 330 36.19 4.42 -4.27
C THR A 330 35.17 4.38 -3.15
N VAL A 331 35.18 3.32 -2.36
CA VAL A 331 34.11 3.12 -1.39
C VAL A 331 34.62 2.91 0.04
N SER A 332 34.14 3.74 0.96
CA SER A 332 34.55 3.56 2.35
C SER A 332 33.34 3.51 3.29
N VAL A 333 33.59 3.08 4.51
CA VAL A 333 32.56 2.74 5.49
C VAL A 333 31.80 3.95 6.04
N ASN A 334 31.40 3.86 7.32
CA ASN A 334 30.64 4.91 7.98
C ASN A 334 29.27 5.16 7.37
N PRO B 4 -25.84 -5.70 -15.20
CA PRO B 4 -24.48 -5.44 -14.74
C PRO B 4 -24.37 -4.84 -13.31
N ALA B 5 -23.67 -3.70 -13.18
CA ALA B 5 -23.40 -3.00 -11.91
C ALA B 5 -22.23 -2.00 -12.06
N GLU B 6 -21.15 -2.21 -11.29
CA GLU B 6 -19.90 -1.42 -11.36
C GLU B 6 -19.94 -0.04 -10.64
N CYS B 7 -19.64 -0.01 -9.34
CA CYS B 7 -19.54 1.29 -8.65
C CYS B 7 -18.63 1.38 -7.42
N SER B 8 -17.73 2.36 -7.48
CA SER B 8 -16.61 2.52 -6.59
C SER B 8 -16.97 2.86 -5.16
N ILE B 9 -16.02 2.57 -4.26
CA ILE B 9 -16.15 2.66 -2.80
C ILE B 9 -15.98 4.10 -2.31
N LYS B 10 -16.96 4.61 -1.60
CA LYS B 10 -16.98 6.04 -1.27
C LYS B 10 -16.23 6.28 0.03
N VAL B 11 -15.41 7.33 0.06
CA VAL B 11 -14.67 7.67 1.25
C VAL B 11 -15.05 9.08 1.69
N MET B 12 -15.01 9.37 3.00
CA MET B 12 -15.27 10.66 3.50
C MET B 12 -14.46 10.97 4.76
N CYS B 13 -13.78 12.11 4.72
CA CYS B 13 -12.89 12.45 5.79
C CYS B 13 -13.60 13.28 6.85
N ARG B 14 -13.61 12.80 8.07
CA ARG B 14 -14.15 13.58 9.15
C ARG B 14 -13.09 13.95 10.20
N PHE B 15 -12.65 15.22 10.17
CA PHE B 15 -11.76 15.76 11.18
C PHE B 15 -12.57 16.06 12.43
N ARG B 16 -12.01 15.75 13.60
CA ARG B 16 -12.58 16.14 14.86
C ARG B 16 -12.05 17.55 15.23
N PRO B 17 -12.73 18.28 16.16
CA PRO B 17 -12.16 19.52 16.71
C PRO B 17 -10.82 19.22 17.41
N LEU B 18 -10.50 19.98 18.46
CA LEU B 18 -9.26 19.79 19.22
C LEU B 18 -9.61 19.74 20.68
N ASN B 19 -9.08 18.76 21.41
CA ASN B 19 -9.57 18.49 22.76
C ASN B 19 -9.28 19.63 23.72
N GLU B 20 -9.96 19.61 24.86
CA GLU B 20 -9.79 20.63 25.90
C GLU B 20 -8.32 20.91 26.26
N ALA B 21 -7.45 19.94 25.97
CA ALA B 21 -6.01 20.07 26.18
C ALA B 21 -5.37 20.78 25.01
N GLU B 22 -5.33 20.11 23.86
CA GLU B 22 -4.76 20.73 22.67
C GLU B 22 -5.11 22.23 22.59
N ILE B 23 -6.41 22.52 22.41
CA ILE B 23 -6.93 23.90 22.29
C ILE B 23 -6.52 24.76 23.47
N LEU B 24 -6.31 24.14 24.62
CA LEU B 24 -5.94 24.85 25.85
C LEU B 24 -4.41 25.03 25.88
N ARG B 25 -3.67 23.93 26.01
CA ARG B 25 -2.22 23.95 25.91
C ARG B 25 -1.74 24.99 24.89
N GLY B 26 -2.46 25.10 23.79
CA GLY B 26 -2.06 25.98 22.70
C GLY B 26 -1.68 25.23 21.44
N ASP B 27 -2.03 23.96 21.38
CA ASP B 27 -1.89 23.22 20.14
C ASP B 27 -2.48 24.00 18.92
N LYS B 28 -1.84 23.91 17.76
CA LYS B 28 -2.29 24.61 16.54
C LYS B 28 -3.15 23.72 15.63
N PHE B 29 -4.04 24.31 14.84
CA PHE B 29 -4.83 23.57 13.87
C PHE B 29 -3.91 23.00 12.79
N ILE B 30 -4.47 22.65 11.64
CA ILE B 30 -3.69 22.08 10.56
C ILE B 30 -4.30 22.28 9.17
N PRO B 31 -5.42 21.61 8.93
CA PRO B 31 -6.02 21.54 7.60
C PRO B 31 -7.00 22.67 7.29
N LYS B 32 -7.28 22.76 6.01
CA LYS B 32 -7.93 23.89 5.47
C LYS B 32 -8.87 23.29 4.46
N PHE B 33 -10.14 23.65 4.58
CA PHE B 33 -11.18 23.05 3.73
C PHE B 33 -11.51 23.92 2.54
N LYS B 34 -12.16 23.36 1.54
CA LYS B 34 -12.33 23.99 0.26
C LYS B 34 -13.48 23.30 -0.43
N GLY B 35 -14.51 24.05 -0.79
CA GLY B 35 -15.69 23.41 -1.38
C GLY B 35 -16.12 22.34 -0.40
N GLU B 36 -16.85 21.33 -0.86
CA GLU B 36 -17.28 20.27 0.09
C GLU B 36 -16.58 18.93 -0.09
N GLU B 37 -15.69 18.86 -1.06
CA GLU B 37 -14.97 17.65 -1.30
C GLU B 37 -13.46 17.77 -1.22
N THR B 38 -12.88 18.89 -0.81
CA THR B 38 -11.42 18.85 -0.67
C THR B 38 -10.85 19.37 0.65
N VAL B 39 -9.63 18.95 0.92
CA VAL B 39 -8.89 19.38 2.12
C VAL B 39 -7.40 19.44 1.81
N VAL B 40 -6.71 20.45 2.33
CA VAL B 40 -5.30 20.66 2.04
C VAL B 40 -4.55 20.76 3.34
N ILE B 41 -3.34 20.17 3.37
CA ILE B 41 -2.41 20.29 4.50
C ILE B 41 -1.02 20.77 4.07
N GLY B 42 -0.62 21.91 4.67
CA GLY B 42 0.61 22.63 4.36
C GLY B 42 0.59 23.36 3.02
N GLN B 43 1.45 22.98 2.08
CA GLN B 43 2.36 21.83 2.16
C GLN B 43 1.96 20.88 1.03
N GLY B 44 1.09 19.92 1.34
CA GLY B 44 0.65 18.93 0.36
C GLY B 44 -0.14 19.51 -0.81
N LYS B 45 -1.20 18.81 -1.18
CA LYS B 45 -2.01 19.22 -2.32
C LYS B 45 -3.47 18.91 -2.08
N PRO B 46 -4.34 19.47 -2.94
CA PRO B 46 -5.74 19.15 -2.75
C PRO B 46 -5.83 17.66 -2.47
N TYR B 47 -6.34 17.29 -1.30
CA TYR B 47 -6.78 15.92 -1.05
C TYR B 47 -8.26 15.79 -1.36
N VAL B 48 -8.58 15.08 -2.44
CA VAL B 48 -9.98 14.98 -2.85
C VAL B 48 -10.69 13.67 -2.55
N PHE B 49 -11.60 13.75 -1.60
CA PHE B 49 -12.48 12.68 -1.24
C PHE B 49 -13.88 12.87 -1.86
N ASP B 50 -14.85 12.08 -1.41
CA ASP B 50 -16.22 12.21 -1.88
C ASP B 50 -16.94 13.26 -1.05
N ARG B 51 -16.44 13.49 0.16
CA ARG B 51 -16.97 14.52 1.02
C ARG B 51 -16.08 14.67 2.22
N VAL B 52 -15.73 15.90 2.57
CA VAL B 52 -14.90 16.14 3.73
C VAL B 52 -15.72 16.86 4.81
N LEU B 53 -15.67 16.38 6.04
CA LEU B 53 -16.62 16.84 7.00
C LEU B 53 -15.87 17.44 8.10
N PRO B 54 -15.85 18.77 8.19
CA PRO B 54 -14.96 19.42 9.20
C PRO B 54 -15.48 19.17 10.57
N PRO B 55 -14.77 19.64 11.60
CA PRO B 55 -15.23 19.55 12.98
C PRO B 55 -16.61 19.99 13.13
N ASN B 56 -16.95 21.10 12.49
CA ASN B 56 -18.20 21.76 12.81
C ASN B 56 -19.46 20.98 12.41
N THR B 57 -19.44 20.29 11.27
CA THR B 57 -20.65 19.58 10.86
C THR B 57 -21.17 18.66 11.97
N THR B 58 -22.49 18.51 12.02
CA THR B 58 -23.14 17.89 13.18
C THR B 58 -23.28 16.42 13.02
N GLN B 59 -23.47 15.75 14.16
CA GLN B 59 -23.77 14.30 14.09
C GLN B 59 -24.81 14.04 13.05
N GLU B 60 -25.95 14.72 13.15
CA GLU B 60 -26.97 14.59 12.10
C GLU B 60 -26.42 14.88 10.71
N GLN B 61 -25.63 15.94 10.52
CA GLN B 61 -25.17 16.19 9.13
C GLN B 61 -24.28 15.06 8.54
N VAL B 62 -23.60 14.29 9.41
CA VAL B 62 -22.76 13.18 8.94
C VAL B 62 -23.57 11.98 8.50
N TYR B 63 -24.56 11.63 9.32
CA TYR B 63 -25.54 10.62 8.86
C TYR B 63 -25.97 10.88 7.45
N ASN B 64 -26.40 12.12 7.17
CA ASN B 64 -26.96 12.39 5.83
C ASN B 64 -25.97 12.18 4.74
N ALA B 65 -24.73 12.56 5.02
CA ALA B 65 -23.67 12.52 4.02
C ALA B 65 -23.29 11.12 3.75
N CYS B 66 -23.28 10.32 4.80
CA CYS B 66 -22.58 9.03 4.79
C CYS B 66 -23.42 7.78 4.84
N ALA B 67 -24.35 7.73 5.82
CA ALA B 67 -25.28 6.63 6.03
C ALA B 67 -26.60 6.67 5.28
N LYS B 68 -27.08 7.87 4.92
CA LYS B 68 -28.47 8.04 4.44
C LYS B 68 -28.66 7.22 3.20
N GLN B 69 -27.77 7.39 2.23
CA GLN B 69 -27.87 6.60 1.02
C GLN B 69 -27.63 5.08 1.17
N ILE B 70 -26.75 4.63 2.09
CA ILE B 70 -26.50 3.17 2.33
C ILE B 70 -27.79 2.45 2.72
N VAL B 71 -28.56 3.08 3.61
CA VAL B 71 -29.80 2.49 4.10
C VAL B 71 -30.85 2.41 3.02
N LYS B 72 -30.86 3.38 2.12
CA LYS B 72 -31.81 3.37 1.02
C LYS B 72 -31.41 2.31 -0.01
N ASP B 73 -30.32 1.63 0.25
CA ASP B 73 -29.91 0.63 -0.69
C ASP B 73 -30.29 -0.68 -0.12
N VAL B 74 -29.96 -0.87 1.14
CA VAL B 74 -30.27 -2.11 1.79
C VAL B 74 -31.75 -2.37 1.66
N LEU B 75 -32.53 -1.31 1.48
CA LEU B 75 -33.97 -1.39 1.47
C LEU B 75 -34.41 -1.75 0.09
N GLU B 76 -33.63 -1.34 -0.90
CA GLU B 76 -33.84 -1.87 -2.23
C GLU B 76 -33.17 -3.23 -2.46
N GLY B 77 -32.66 -3.87 -1.40
CA GLY B 77 -31.97 -5.18 -1.52
C GLY B 77 -30.51 -5.26 -1.97
N TYR B 78 -29.71 -4.27 -1.59
CA TYR B 78 -28.28 -4.22 -1.85
C TYR B 78 -27.56 -4.43 -0.55
N ASN B 79 -26.35 -4.95 -0.61
CA ASN B 79 -25.58 -5.06 0.61
C ASN B 79 -24.84 -3.76 0.87
N GLY B 80 -24.64 -3.44 2.15
CA GLY B 80 -24.07 -2.16 2.51
C GLY B 80 -23.22 -2.19 3.73
N THR B 81 -22.30 -1.23 3.80
CA THR B 81 -21.24 -1.31 4.78
C THR B 81 -20.69 0.10 5.02
N ILE B 82 -20.55 0.38 6.30
CA ILE B 82 -19.85 1.54 6.73
C ILE B 82 -18.84 1.18 7.83
N PHE B 83 -17.59 1.59 7.66
CA PHE B 83 -16.72 1.50 8.80
C PHE B 83 -15.83 2.74 9.00
N ALA B 84 -15.40 2.94 10.24
CA ALA B 84 -14.59 4.06 10.62
C ALA B 84 -13.16 3.61 10.73
N TYR B 85 -12.32 4.13 9.82
CA TYR B 85 -10.94 3.77 9.81
C TYR B 85 -10.17 4.93 10.39
N GLY B 86 -9.13 4.65 11.18
CA GLY B 86 -8.15 5.70 11.54
C GLY B 86 -7.63 5.71 12.96
N GLN B 87 -6.61 6.51 13.23
CA GLN B 87 -5.91 6.39 14.48
C GLN B 87 -6.84 6.62 15.66
N THR B 88 -6.35 6.25 16.83
CA THR B 88 -7.10 6.24 18.07
C THR B 88 -7.45 7.65 18.44
N SER B 89 -8.65 7.82 18.96
CA SER B 89 -9.10 9.14 19.42
C SER B 89 -9.38 10.16 18.32
N SER B 90 -9.32 9.73 17.06
CA SER B 90 -9.75 10.61 16.00
C SER B 90 -11.29 10.72 15.93
N GLY B 91 -11.98 9.99 16.81
CA GLY B 91 -13.45 9.92 16.84
C GLY B 91 -14.17 8.94 15.93
N LYS B 92 -13.55 7.80 15.65
CA LYS B 92 -14.22 6.72 14.93
C LYS B 92 -15.45 6.28 15.70
N THR B 93 -15.35 6.30 17.02
CA THR B 93 -16.44 5.73 17.82
C THR B 93 -17.54 6.75 17.85
N HIS B 94 -17.18 8.00 18.08
CA HIS B 94 -18.11 9.12 17.99
C HIS B 94 -18.92 9.07 16.70
N THR B 95 -18.22 8.88 15.58
CA THR B 95 -18.97 8.90 14.37
C THR B 95 -19.86 7.66 14.17
N MET B 96 -19.44 6.54 14.71
CA MET B 96 -20.15 5.28 14.48
C MET B 96 -21.31 5.10 15.44
N GLU B 97 -21.13 5.61 16.65
CA GLU B 97 -22.16 5.48 17.65
C GLU B 97 -22.47 6.75 18.45
N GLY B 98 -21.44 7.46 18.87
CA GLY B 98 -21.62 8.67 19.63
C GLY B 98 -22.33 8.41 20.94
N LYS B 99 -23.01 9.43 21.48
CA LYS B 99 -23.82 9.26 22.68
C LYS B 99 -25.12 8.52 22.26
N LEU B 100 -25.22 7.25 22.64
CA LEU B 100 -26.22 6.29 22.09
C LEU B 100 -27.65 6.77 22.09
N HIS B 101 -28.05 7.41 23.20
CA HIS B 101 -29.43 7.82 23.40
C HIS B 101 -29.77 9.29 23.21
N ASP B 102 -28.73 10.15 23.20
CA ASP B 102 -28.84 11.59 22.92
C ASP B 102 -29.14 11.84 21.45
N PRO B 103 -30.33 12.37 21.16
CA PRO B 103 -30.83 12.47 19.80
C PRO B 103 -30.15 13.57 19.02
N GLN B 104 -29.20 14.28 19.62
CA GLN B 104 -28.41 15.13 18.77
C GLN B 104 -26.98 14.76 18.73
N LEU B 105 -26.50 14.10 19.78
CA LEU B 105 -25.14 13.60 19.77
C LEU B 105 -25.02 12.19 19.18
N MET B 106 -26.14 11.49 19.11
CA MET B 106 -26.14 10.14 18.63
C MET B 106 -25.57 9.93 17.23
N GLY B 107 -24.81 8.86 17.06
CA GLY B 107 -24.07 8.62 15.85
C GLY B 107 -24.69 7.69 14.87
N ILE B 108 -23.90 7.22 13.92
CA ILE B 108 -24.49 6.62 12.77
C ILE B 108 -25.43 5.48 13.11
N ILE B 109 -25.01 4.59 14.02
CA ILE B 109 -25.68 3.32 14.19
C ILE B 109 -27.11 3.56 14.65
N PRO B 110 -27.27 4.31 15.76
CA PRO B 110 -28.62 4.49 16.29
C PRO B 110 -29.43 5.20 15.24
N ARG B 111 -28.85 6.18 14.58
CA ARG B 111 -29.51 6.84 13.47
C ARG B 111 -29.98 5.86 12.43
N ILE B 112 -29.29 4.73 12.28
CA ILE B 112 -29.78 3.74 11.34
C ILE B 112 -30.83 2.84 11.99
N ALA B 113 -30.67 2.64 13.29
CA ALA B 113 -31.69 1.94 14.06
C ALA B 113 -33.02 2.59 13.73
N HIS B 114 -33.03 3.93 13.65
CA HIS B 114 -34.26 4.70 13.49
C HIS B 114 -34.67 4.87 12.02
N ASP B 115 -33.70 5.16 11.17
CA ASP B 115 -34.05 5.43 9.81
C ASP B 115 -34.58 4.20 9.12
N ILE B 116 -34.26 3.02 9.63
CA ILE B 116 -34.69 1.80 8.96
C ILE B 116 -36.16 1.62 9.20
N PHE B 117 -36.53 1.82 10.46
CA PHE B 117 -37.86 1.64 10.89
C PHE B 117 -38.78 2.80 10.48
N ASP B 118 -38.23 4.01 10.43
CA ASP B 118 -39.02 5.11 9.87
C ASP B 118 -39.41 4.80 8.45
N HIS B 119 -38.50 4.19 7.70
CA HIS B 119 -38.82 3.78 6.34
C HIS B 119 -39.80 2.61 6.31
N ILE B 120 -39.48 1.52 6.97
CA ILE B 120 -40.36 0.39 6.90
C ILE B 120 -41.79 0.82 7.29
N TYR B 121 -41.94 1.38 8.52
CA TYR B 121 -43.23 1.82 9.09
C TYR B 121 -44.09 2.65 8.14
N SER B 122 -43.44 3.20 7.14
CA SER B 122 -44.08 4.09 6.24
C SER B 122 -44.53 3.43 4.99
N MET B 123 -44.04 2.21 4.70
CA MET B 123 -44.33 1.59 3.40
C MET B 123 -45.64 0.85 3.45
N ASP B 124 -46.11 0.50 2.26
CA ASP B 124 -47.33 -0.30 2.10
C ASP B 124 -47.49 -1.47 3.09
N GLU B 125 -48.71 -1.96 3.25
CA GLU B 125 -48.95 -3.00 4.26
C GLU B 125 -48.40 -4.29 3.79
N ASN B 126 -48.69 -4.62 2.54
CA ASN B 126 -48.04 -5.75 1.93
C ASN B 126 -46.56 -5.44 1.90
N LEU B 127 -45.73 -6.44 1.71
CA LEU B 127 -44.29 -6.30 1.90
C LEU B 127 -43.90 -6.32 3.38
N GLU B 128 -43.56 -7.53 3.81
CA GLU B 128 -43.26 -7.82 5.18
C GLU B 128 -41.76 -7.78 5.29
N PHE B 129 -41.25 -7.09 6.28
CA PHE B 129 -39.81 -6.99 6.44
C PHE B 129 -39.47 -7.91 7.58
N HIS B 130 -38.25 -8.44 7.57
CA HIS B 130 -37.72 -9.15 8.73
C HIS B 130 -36.30 -8.71 9.01
N ILE B 131 -36.05 -8.32 10.25
CA ILE B 131 -34.80 -7.75 10.63
C ILE B 131 -34.30 -8.48 11.85
N LYS B 132 -33.12 -9.05 11.72
CA LYS B 132 -32.40 -9.63 12.85
C LYS B 132 -31.01 -9.08 12.78
N VAL B 133 -30.51 -8.75 13.95
CA VAL B 133 -29.20 -8.24 14.11
C VAL B 133 -28.23 -9.22 14.78
N SER B 134 -26.95 -9.02 14.49
CA SER B 134 -25.87 -9.65 15.24
C SER B 134 -24.83 -8.60 15.56
N TYR B 135 -24.14 -8.86 16.66
CA TYR B 135 -23.19 -7.95 17.20
C TYR B 135 -22.04 -8.73 17.79
N PHE B 136 -20.84 -8.33 17.41
CA PHE B 136 -19.65 -9.00 17.91
C PHE B 136 -18.36 -8.24 17.71
N GLU B 137 -17.34 -8.53 18.54
CA GLU B 137 -16.02 -7.89 18.35
C GLU B 137 -14.95 -8.81 17.81
N ILE B 138 -13.78 -8.23 17.54
CA ILE B 138 -12.62 -8.99 17.12
C ILE B 138 -11.38 -8.43 17.79
N TYR B 139 -10.74 -9.27 18.60
CA TYR B 139 -9.49 -9.01 19.31
C TYR B 139 -8.54 -10.13 18.90
N LEU B 140 -7.38 -9.76 18.40
CA LEU B 140 -6.37 -10.72 17.98
C LEU B 140 -6.98 -11.84 17.14
N ASP B 141 -7.30 -11.51 15.90
CA ASP B 141 -7.99 -12.42 14.98
C ASP B 141 -9.02 -13.40 15.55
N LYS B 142 -9.50 -13.16 16.76
CA LYS B 142 -10.52 -14.02 17.35
C LYS B 142 -11.87 -13.29 17.50
N ILE B 143 -12.99 -13.98 17.21
CA ILE B 143 -14.35 -13.42 17.28
C ILE B 143 -15.19 -13.78 18.51
N ARG B 144 -15.35 -12.86 19.46
CA ARG B 144 -16.32 -13.02 20.57
C ARG B 144 -17.74 -12.47 20.24
N ASP B 145 -18.77 -13.25 20.56
CA ASP B 145 -20.13 -12.79 20.42
C ASP B 145 -20.50 -11.86 21.58
N LEU B 146 -20.90 -10.64 21.24
CA LEU B 146 -21.22 -9.67 22.28
C LEU B 146 -22.57 -9.98 22.90
N LEU B 147 -23.40 -10.71 22.17
CA LEU B 147 -24.67 -11.11 22.70
C LEU B 147 -24.58 -12.38 23.59
N ASP B 148 -23.50 -13.15 23.42
CA ASP B 148 -23.23 -14.35 24.22
C ASP B 148 -21.76 -14.51 24.48
N VAL B 149 -21.31 -13.92 25.58
CA VAL B 149 -19.90 -13.99 26.03
C VAL B 149 -19.21 -15.34 25.78
N SER B 150 -19.79 -16.39 26.34
CA SER B 150 -19.24 -17.73 26.26
C SER B 150 -18.65 -18.03 24.90
N LYS B 151 -19.37 -17.63 23.84
CA LYS B 151 -18.91 -17.92 22.49
C LYS B 151 -17.79 -16.95 22.13
N THR B 152 -16.55 -17.33 22.44
CA THR B 152 -15.41 -16.43 22.24
C THR B 152 -14.48 -16.82 21.11
N ASN B 153 -14.94 -17.58 20.15
CA ASN B 153 -14.08 -17.85 19.02
C ASN B 153 -14.93 -18.47 17.94
N LEU B 154 -15.91 -17.71 17.45
CA LEU B 154 -16.66 -18.20 16.31
C LEU B 154 -15.76 -18.24 15.07
N ALA B 155 -16.22 -18.92 14.02
CA ALA B 155 -15.37 -19.10 12.87
C ALA B 155 -16.05 -18.73 11.56
N VAL B 156 -15.35 -17.95 10.75
CA VAL B 156 -15.91 -17.51 9.50
C VAL B 156 -16.10 -18.71 8.59
N HIS B 157 -17.32 -19.20 8.48
CA HIS B 157 -17.60 -20.15 7.42
C HIS B 157 -17.81 -19.45 6.09
N GLU B 158 -18.06 -20.25 5.07
CA GLU B 158 -18.26 -19.74 3.74
C GLU B 158 -19.54 -20.36 3.16
N ASP B 159 -20.67 -19.70 3.40
CA ASP B 159 -21.97 -20.12 2.88
C ASP B 159 -21.92 -20.36 1.37
N LYS B 160 -23.02 -20.88 0.84
CA LYS B 160 -23.25 -21.01 -0.59
C LYS B 160 -22.88 -19.73 -1.35
N ASN B 161 -22.73 -19.83 -2.67
CA ASN B 161 -22.33 -18.66 -3.46
C ASN B 161 -21.01 -18.01 -3.00
N ARG B 162 -20.30 -18.64 -2.06
CA ARG B 162 -18.94 -18.19 -1.68
C ARG B 162 -18.88 -17.12 -0.57
N VAL B 163 -19.90 -16.29 -0.44
CA VAL B 163 -19.82 -15.20 0.51
C VAL B 163 -19.50 -15.74 1.87
N PRO B 164 -18.32 -15.39 2.43
CA PRO B 164 -18.12 -15.81 3.81
C PRO B 164 -19.24 -15.40 4.77
N TYR B 165 -18.92 -15.25 6.05
CA TYR B 165 -19.89 -14.96 7.07
C TYR B 165 -19.51 -15.65 8.37
N VAL B 166 -19.95 -15.08 9.49
CA VAL B 166 -19.67 -15.64 10.77
C VAL B 166 -20.68 -16.71 11.16
N LYS B 167 -20.21 -17.95 11.29
CA LYS B 167 -21.09 -19.06 11.66
C LYS B 167 -21.36 -19.09 13.16
N GLY B 168 -22.61 -19.40 13.51
CA GLY B 168 -23.01 -19.63 14.89
C GLY B 168 -23.01 -18.38 15.73
N CYS B 169 -23.51 -17.28 15.16
CA CYS B 169 -23.46 -15.98 15.81
C CYS B 169 -24.81 -15.72 16.35
N THR B 170 -24.95 -15.32 17.61
CA THR B 170 -26.29 -15.15 18.07
C THR B 170 -26.98 -14.07 17.26
N GLU B 171 -28.08 -14.45 16.62
CA GLU B 171 -28.91 -13.56 15.80
C GLU B 171 -30.23 -13.17 16.48
N ARG B 172 -30.38 -11.91 16.93
CA ARG B 172 -31.61 -11.48 17.59
C ARG B 172 -32.52 -10.83 16.59
N PHE B 173 -33.82 -10.93 16.81
CA PHE B 173 -34.81 -10.36 15.91
C PHE B 173 -35.32 -9.04 16.48
N VAL B 174 -35.62 -8.10 15.57
CA VAL B 174 -35.97 -6.71 15.96
C VAL B 174 -37.12 -6.15 15.14
N SER B 175 -38.02 -5.41 15.80
CA SER B 175 -39.20 -4.83 15.15
C SER B 175 -39.28 -3.31 15.30
N SER B 176 -38.66 -2.78 16.35
CA SER B 176 -38.66 -1.37 16.59
C SER B 176 -37.25 -0.82 16.83
N PRO B 177 -37.04 0.47 16.55
CA PRO B 177 -35.72 1.05 16.80
C PRO B 177 -35.38 0.76 18.20
N GLU B 178 -36.34 1.02 19.09
CA GLU B 178 -36.16 0.86 20.51
C GLU B 178 -35.51 -0.47 20.77
N GLU B 179 -35.83 -1.50 19.98
CA GLU B 179 -35.25 -2.87 20.08
C GLU B 179 -33.77 -3.01 19.71
N VAL B 180 -33.36 -2.41 18.60
CA VAL B 180 -31.97 -2.42 18.16
C VAL B 180 -31.07 -1.79 19.25
N MET B 181 -31.57 -0.73 19.86
CA MET B 181 -30.81 -0.07 20.92
C MET B 181 -30.55 -1.00 22.09
N ASP B 182 -31.55 -1.76 22.53
CA ASP B 182 -31.30 -2.74 23.61
C ASP B 182 -30.17 -3.70 23.26
N VAL B 183 -30.19 -4.23 22.03
CA VAL B 183 -29.18 -5.14 21.60
C VAL B 183 -27.82 -4.51 21.79
N ILE B 184 -27.70 -3.32 21.23
CA ILE B 184 -26.45 -2.60 21.34
C ILE B 184 -26.11 -2.37 22.80
N ASP B 185 -27.11 -2.03 23.59
CA ASP B 185 -26.91 -1.70 24.98
C ASP B 185 -26.38 -2.95 25.63
N GLU B 186 -26.82 -4.10 25.11
CA GLU B 186 -26.46 -5.41 25.64
C GLU B 186 -25.00 -5.62 25.31
N GLY B 187 -24.72 -5.84 24.02
CA GLY B 187 -23.35 -5.87 23.51
C GLY B 187 -22.28 -5.06 24.24
N LYS B 188 -22.54 -3.78 24.49
CA LYS B 188 -21.54 -2.94 25.12
C LYS B 188 -21.29 -3.43 26.52
N ALA B 189 -22.41 -3.75 27.18
CA ALA B 189 -22.39 -4.14 28.57
C ALA B 189 -21.59 -5.40 28.73
N ASN B 190 -21.55 -6.19 27.66
CA ASN B 190 -20.96 -7.50 27.76
C ASN B 190 -19.46 -7.45 27.56
N ARG B 191 -18.95 -6.34 27.04
CA ARG B 191 -17.52 -6.19 26.97
C ARG B 191 -16.98 -6.33 28.38
N HIS B 192 -16.74 -7.57 28.77
CA HIS B 192 -16.13 -7.89 30.06
C HIS B 192 -14.78 -8.48 29.84
N VAL B 193 -13.80 -7.58 29.75
CA VAL B 193 -12.37 -7.90 29.67
C VAL B 193 -11.98 -9.00 30.66
N THR B 196 -11.23 -4.73 32.36
CA THR B 196 -9.99 -4.37 33.02
C THR B 196 -9.28 -3.27 32.23
N ASN B 197 -9.89 -2.08 32.23
CA ASN B 197 -9.42 -0.98 31.39
C ASN B 197 -9.70 -1.30 29.92
N MET B 198 -10.95 -1.09 29.51
CA MET B 198 -11.36 -1.34 28.13
C MET B 198 -10.66 -0.36 27.18
N ASN B 199 -10.32 0.81 27.70
CA ASN B 199 -9.63 1.82 26.91
C ASN B 199 -8.51 1.21 26.07
N GLU B 200 -7.90 0.15 26.60
CA GLU B 200 -6.84 -0.55 25.88
C GLU B 200 -7.42 -1.64 25.00
N HIS B 201 -8.64 -2.06 25.31
CA HIS B 201 -9.33 -3.10 24.53
C HIS B 201 -10.00 -2.50 23.29
N SER B 202 -10.79 -1.45 23.52
CA SER B 202 -11.45 -0.69 22.46
C SER B 202 -10.48 -0.33 21.32
N SER B 203 -9.39 0.32 21.72
CA SER B 203 -8.38 0.73 20.77
C SER B 203 -7.54 -0.46 20.31
N ARG B 204 -8.09 -1.66 20.45
CA ARG B 204 -7.40 -2.84 19.98
C ARG B 204 -8.36 -3.77 19.28
N SER B 205 -9.62 -3.76 19.70
CA SER B 205 -10.69 -4.60 19.10
C SER B 205 -11.55 -3.86 18.04
N HIS B 206 -12.27 -4.63 17.24
CA HIS B 206 -13.13 -4.10 16.20
C HIS B 206 -14.53 -4.53 16.52
N SER B 207 -15.48 -3.61 16.54
CA SER B 207 -16.85 -4.08 16.73
C SER B 207 -17.59 -3.97 15.45
N ILE B 208 -18.39 -5.00 15.21
CA ILE B 208 -19.17 -5.16 14.02
C ILE B 208 -20.61 -5.29 14.47
N PHE B 209 -21.49 -4.55 13.79
CA PHE B 209 -22.91 -4.69 14.01
C PHE B 209 -23.48 -5.15 12.69
N LEU B 210 -24.19 -6.27 12.70
CA LEU B 210 -24.73 -6.77 11.46
C LEU B 210 -26.21 -6.68 11.49
N ILE B 211 -26.79 -6.27 10.37
CA ILE B 211 -28.20 -6.07 10.30
C ILE B 211 -28.63 -6.72 9.04
N ASN B 212 -29.42 -7.79 9.19
CA ASN B 212 -29.93 -8.54 8.07
C ASN B 212 -31.34 -8.06 7.80
N ILE B 213 -31.61 -7.63 6.57
CA ILE B 213 -32.88 -7.03 6.24
C ILE B 213 -33.55 -7.76 5.12
N LYS B 214 -34.35 -8.72 5.50
CA LYS B 214 -35.03 -9.59 4.55
C LYS B 214 -36.45 -9.03 4.37
N GLN B 215 -36.89 -8.88 3.11
CA GLN B 215 -38.26 -8.39 2.80
C GLN B 215 -38.93 -9.15 1.65
N GLU B 216 -40.20 -9.54 1.87
CA GLU B 216 -41.05 -10.16 0.82
C GLU B 216 -42.25 -9.29 0.44
N ASN B 217 -42.43 -9.02 -0.84
CA ASN B 217 -43.66 -8.36 -1.26
C ASN B 217 -44.87 -9.30 -1.24
N VAL B 218 -45.45 -9.46 -0.06
CA VAL B 218 -46.61 -10.31 0.17
C VAL B 218 -47.56 -10.52 -1.01
N GLU B 219 -48.01 -9.48 -1.67
CA GLU B 219 -48.85 -9.78 -2.82
C GLU B 219 -48.15 -10.58 -3.93
N THR B 220 -47.03 -10.07 -4.44
CA THR B 220 -46.31 -10.70 -5.57
C THR B 220 -45.20 -11.65 -5.13
N GLU B 221 -45.03 -11.82 -3.83
CA GLU B 221 -44.03 -12.73 -3.28
C GLU B 221 -42.58 -12.45 -3.71
N LYS B 222 -42.37 -11.46 -4.58
CA LYS B 222 -41.02 -11.05 -5.00
C LYS B 222 -40.11 -10.63 -3.82
N LYS B 223 -39.21 -11.52 -3.38
CA LYS B 223 -38.39 -11.31 -2.16
C LYS B 223 -37.12 -10.48 -2.39
N LEU B 224 -36.57 -9.94 -1.29
CA LEU B 224 -35.38 -9.08 -1.31
C LEU B 224 -34.58 -9.11 0.00
N SER B 225 -33.25 -8.86 -0.08
CA SER B 225 -32.40 -8.81 1.13
C SER B 225 -31.03 -8.09 1.02
N GLY B 226 -30.47 -7.79 2.17
CA GLY B 226 -29.14 -7.31 2.21
C GLY B 226 -28.63 -7.33 3.61
N LYS B 227 -27.32 -7.18 3.74
CA LYS B 227 -26.68 -7.15 5.05
C LYS B 227 -26.08 -5.79 5.22
N LEU B 228 -26.06 -5.34 6.46
CA LEU B 228 -25.53 -4.07 6.70
C LEU B 228 -24.54 -4.21 7.81
N TYR B 229 -23.28 -4.11 7.43
CA TYR B 229 -22.19 -4.20 8.37
C TYR B 229 -21.77 -2.83 8.78
N LEU B 230 -21.88 -2.60 10.06
CA LEU B 230 -21.41 -1.39 10.65
C LEU B 230 -20.18 -1.66 11.58
N VAL B 231 -19.01 -1.40 11.03
CA VAL B 231 -17.78 -1.64 11.75
C VAL B 231 -17.07 -0.38 12.30
N ASP B 232 -16.68 -0.49 13.56
CA ASP B 232 -15.85 0.52 14.22
C ASP B 232 -14.41 -0.08 14.47
N LEU B 233 -13.52 0.06 13.46
CA LEU B 233 -12.13 -0.46 13.54
C LEU B 233 -11.33 0.06 14.72
N ALA B 234 -10.22 -0.61 14.99
CA ALA B 234 -9.34 -0.15 16.04
C ALA B 234 -8.37 0.89 15.46
N GLY B 235 -7.59 1.52 16.32
CA GLY B 235 -6.63 2.51 15.83
C GLY B 235 -5.69 2.05 14.74
N SER B 236 -5.46 2.87 13.73
CA SER B 236 -4.57 2.51 12.63
C SER B 236 -3.10 2.90 12.93
N GLU B 237 -2.88 3.38 14.15
CA GLU B 237 -1.55 3.77 14.55
C GLU B 237 -0.56 2.59 14.48
N LYS B 238 -1.00 1.49 13.87
CA LYS B 238 -0.23 0.27 13.79
C LYS B 238 -0.10 -0.21 12.35
N VAL B 239 0.87 0.38 11.64
CA VAL B 239 1.15 0.16 10.20
C VAL B 239 1.25 1.55 9.59
N SER B 240 2.45 2.10 9.64
CA SER B 240 2.71 3.45 9.13
C SER B 240 4.18 3.76 9.47
N LYS B 241 4.45 5.03 9.80
CA LYS B 241 5.77 5.46 10.23
C LYS B 241 5.63 6.17 11.56
N THR B 242 6.55 5.87 12.48
CA THR B 242 6.69 6.59 13.76
C THR B 242 8.11 6.45 14.33
N GLY B 243 8.48 5.23 14.70
CA GLY B 243 9.85 4.90 15.16
C GLY B 243 10.04 3.40 15.19
N ALA B 244 11.10 2.90 14.55
CA ALA B 244 11.31 1.44 14.39
C ALA B 244 12.59 0.89 15.05
N GLU B 245 12.82 -0.42 14.90
CA GLU B 245 13.98 -1.10 15.48
C GLU B 245 13.84 -2.62 15.36
N GLY B 246 13.10 -3.24 16.29
CA GLY B 246 12.94 -4.69 16.28
C GLY B 246 12.06 -5.28 17.38
N ASN B 256 -2.23 -4.85 13.97
CA ASN B 256 -1.79 -5.12 12.61
C ASN B 256 -2.63 -6.28 12.15
N LYS B 257 -2.89 -7.16 13.11
CA LYS B 257 -3.75 -8.31 12.93
C LYS B 257 -4.68 -8.11 11.71
N SER B 258 -5.85 -7.55 11.94
CA SER B 258 -6.83 -7.36 10.88
C SER B 258 -6.60 -6.02 10.14
N LEU B 259 -6.04 -5.04 10.86
CA LEU B 259 -5.63 -3.78 10.22
C LEU B 259 -4.66 -3.97 9.06
N SER B 260 -3.67 -4.84 9.24
CA SER B 260 -2.64 -5.03 8.23
C SER B 260 -3.23 -5.87 7.12
N ALA B 261 -4.19 -6.72 7.47
CA ALA B 261 -4.82 -7.51 6.40
C ALA B 261 -5.61 -6.57 5.50
N LEU B 262 -6.37 -5.70 6.16
CA LEU B 262 -7.20 -4.71 5.50
C LEU B 262 -6.41 -3.85 4.51
N GLY B 263 -5.28 -3.32 4.98
CA GLY B 263 -4.31 -2.63 4.09
C GLY B 263 -4.02 -3.44 2.83
N ASN B 264 -3.40 -4.61 3.03
CA ASN B 264 -2.99 -5.46 1.91
C ASN B 264 -4.12 -5.71 0.94
N VAL B 265 -5.34 -5.87 1.47
CA VAL B 265 -6.51 -6.02 0.61
C VAL B 265 -6.85 -4.72 -0.11
N ILE B 266 -6.89 -3.61 0.63
CA ILE B 266 -7.19 -2.38 -0.05
C ILE B 266 -6.18 -2.21 -1.20
N SER B 267 -4.90 -2.11 -0.84
CA SER B 267 -3.78 -2.00 -1.79
C SER B 267 -3.86 -3.02 -2.95
N ALA B 268 -4.17 -4.27 -2.65
CA ALA B 268 -4.35 -5.27 -3.69
C ALA B 268 -5.40 -4.88 -4.70
N LEU B 269 -6.52 -4.34 -4.21
CA LEU B 269 -7.62 -3.98 -5.12
C LEU B 269 -7.28 -2.72 -5.88
N ALA B 270 -6.67 -1.76 -5.20
CA ALA B 270 -6.21 -0.54 -5.86
C ALA B 270 -5.58 -0.86 -7.22
N GLU B 271 -4.77 -1.91 -7.26
CA GLU B 271 -4.19 -2.36 -8.51
C GLU B 271 -5.20 -3.27 -9.15
N GLY B 272 -5.60 -4.25 -8.35
CA GLY B 272 -6.73 -5.16 -8.60
C GLY B 272 -7.20 -5.55 -9.98
N THR B 273 -8.43 -6.05 -10.00
CA THR B 273 -9.10 -6.56 -11.20
C THR B 273 -8.24 -7.62 -11.89
N LYS B 274 -7.13 -7.96 -11.24
CA LYS B 274 -6.18 -8.94 -11.76
C LYS B 274 -4.92 -8.91 -10.90
N THR B 275 -4.84 -9.79 -9.90
CA THR B 275 -3.66 -9.89 -9.03
C THR B 275 -3.80 -10.77 -7.79
N HIS B 276 -4.97 -11.39 -7.57
CA HIS B 276 -5.23 -12.08 -6.28
C HIS B 276 -5.31 -11.09 -5.10
N VAL B 277 -6.37 -11.19 -4.31
CA VAL B 277 -6.57 -10.32 -3.16
C VAL B 277 -6.51 -11.14 -1.90
N PRO B 278 -5.55 -10.85 -1.03
CA PRO B 278 -5.34 -11.64 0.20
C PRO B 278 -6.47 -11.61 1.24
N TYR B 279 -7.70 -11.93 0.81
CA TYR B 279 -8.85 -11.76 1.70
C TYR B 279 -8.67 -12.61 2.95
N ARG B 280 -7.91 -13.71 2.78
CA ARG B 280 -7.80 -14.70 3.83
C ARG B 280 -6.89 -14.29 4.97
N ASP B 281 -6.00 -13.33 4.71
CA ASP B 281 -5.03 -12.94 5.70
C ASP B 281 -5.62 -12.63 7.08
N SER B 282 -6.93 -12.46 7.15
CA SER B 282 -7.61 -12.28 8.45
C SER B 282 -9.04 -12.72 8.36
N LYS B 283 -9.66 -12.93 9.51
CA LYS B 283 -11.08 -13.15 9.58
C LYS B 283 -11.87 -11.90 9.10
N MET B 284 -11.35 -10.72 9.45
CA MET B 284 -11.92 -9.46 9.05
C MET B 284 -12.04 -9.41 7.56
N THR B 285 -10.91 -9.36 6.89
CA THR B 285 -10.95 -9.15 5.42
C THR B 285 -11.81 -10.21 4.77
N ARG B 286 -12.05 -11.25 5.55
CA ARG B 286 -12.80 -12.39 5.10
C ARG B 286 -14.27 -12.03 5.21
N ILE B 287 -14.64 -11.59 6.41
CA ILE B 287 -15.96 -11.11 6.71
C ILE B 287 -16.32 -10.02 5.73
N LEU B 288 -15.59 -8.90 5.79
CA LEU B 288 -15.97 -7.77 4.98
C LEU B 288 -15.29 -7.87 3.66
N GLN B 289 -15.42 -9.05 3.09
CA GLN B 289 -14.77 -9.40 1.86
C GLN B 289 -15.61 -8.88 0.73
N ASP B 290 -16.89 -9.29 0.73
CA ASP B 290 -17.89 -8.83 -0.22
C ASP B 290 -17.89 -7.29 -0.31
N SER B 291 -17.81 -6.62 0.83
CA SER B 291 -17.66 -5.17 0.89
C SER B 291 -16.49 -4.64 0.06
N LEU B 292 -15.26 -4.92 0.48
CA LEU B 292 -14.03 -4.53 -0.24
C LEU B 292 -13.88 -5.20 -1.62
N GLY B 293 -14.69 -6.21 -1.85
CA GLY B 293 -14.52 -7.01 -3.01
C GLY B 293 -15.49 -6.59 -4.07
N GLY B 294 -16.73 -7.05 -3.91
CA GLY B 294 -17.76 -6.88 -4.90
C GLY B 294 -19.11 -7.00 -4.25
N ASN B 295 -20.16 -6.88 -5.04
CA ASN B 295 -21.53 -6.84 -4.53
C ASN B 295 -21.79 -6.39 -3.09
N CYS B 296 -21.48 -5.13 -2.79
CA CYS B 296 -21.91 -4.44 -1.57
C CYS B 296 -21.55 -2.98 -1.80
N ARG B 297 -22.40 -2.04 -1.39
CA ARG B 297 -22.09 -0.63 -1.63
C ARG B 297 -21.44 -0.18 -0.37
N THR B 298 -20.23 0.39 -0.47
CA THR B 298 -19.37 0.61 0.72
C THR B 298 -18.85 2.01 0.78
N THR B 299 -18.80 2.52 2.01
CA THR B 299 -18.48 3.89 2.29
C THR B 299 -17.70 3.78 3.54
N ILE B 300 -16.51 4.40 3.54
CA ILE B 300 -15.54 4.33 4.62
C ILE B 300 -15.37 5.75 5.04
N VAL B 301 -15.40 5.95 6.35
CA VAL B 301 -15.25 7.24 6.87
C VAL B 301 -13.95 7.19 7.63
N ILE B 302 -12.99 7.92 7.11
CA ILE B 302 -11.71 8.06 7.76
C ILE B 302 -11.80 9.27 8.64
N CYS B 303 -11.40 9.12 9.88
CA CYS B 303 -11.42 10.18 10.83
C CYS B 303 -10.00 10.63 11.05
N CYS B 304 -9.80 11.90 11.42
CA CYS B 304 -8.47 12.48 11.60
C CYS B 304 -8.38 13.47 12.76
N SER B 305 -7.18 13.63 13.31
CA SER B 305 -6.87 14.71 14.22
C SER B 305 -6.43 15.90 13.44
N PRO B 306 -6.90 17.08 13.82
CA PRO B 306 -6.54 18.32 13.14
C PRO B 306 -5.21 18.87 13.62
N SER B 307 -4.63 18.22 14.63
CA SER B 307 -3.36 18.66 15.19
C SER B 307 -2.20 18.33 14.25
N VAL B 308 -1.07 19.00 14.45
CA VAL B 308 0.11 18.78 13.61
C VAL B 308 0.97 17.68 14.20
N PHE B 309 1.08 17.65 15.54
CA PHE B 309 1.57 16.49 16.27
C PHE B 309 1.27 15.14 15.55
N ASN B 310 0.18 15.13 14.80
CA ASN B 310 -0.33 13.94 14.16
C ASN B 310 -0.35 14.07 12.65
N GLU B 311 0.27 15.13 12.15
CA GLU B 311 0.25 15.29 10.70
C GLU B 311 0.67 14.00 10.04
N ALA B 312 1.59 13.30 10.71
CA ALA B 312 2.30 12.14 10.17
C ALA B 312 1.33 11.01 9.92
N GLU B 313 0.60 10.66 10.99
CA GLU B 313 -0.48 9.69 10.94
C GLU B 313 -1.55 10.10 9.94
N THR B 314 -2.17 11.27 10.20
CA THR B 314 -3.23 11.78 9.35
C THR B 314 -2.89 11.44 7.90
N LYS B 315 -1.69 11.81 7.47
CA LYS B 315 -1.41 11.71 6.04
C LYS B 315 -1.57 10.27 5.56
N SER B 316 -1.43 9.34 6.49
CA SER B 316 -1.44 7.96 6.13
C SER B 316 -2.92 7.55 5.97
N THR B 317 -3.69 7.88 7.00
CA THR B 317 -5.14 7.81 6.90
C THR B 317 -5.62 8.39 5.57
N LEU B 318 -5.20 9.63 5.33
CA LEU B 318 -5.61 10.32 4.15
C LEU B 318 -5.32 9.45 2.97
N MET B 319 -4.19 8.78 3.01
CA MET B 319 -3.81 8.01 1.83
C MET B 319 -4.47 6.66 1.80
N PHE B 320 -4.73 6.12 2.99
CA PHE B 320 -5.43 4.87 3.02
C PHE B 320 -6.67 5.08 2.21
N GLY B 321 -7.37 6.15 2.64
CA GLY B 321 -8.64 6.61 2.06
C GLY B 321 -8.51 6.91 0.59
N GLN B 322 -7.42 7.58 0.28
CA GLN B 322 -7.19 7.93 -1.08
C GLN B 322 -7.08 6.70 -1.94
N ARG B 323 -6.48 5.63 -1.42
CA ARG B 323 -6.27 4.42 -2.22
C ARG B 323 -7.62 3.79 -2.37
N ALA B 324 -8.32 3.68 -1.23
CA ALA B 324 -9.58 2.93 -1.17
C ALA B 324 -10.58 3.52 -2.14
N LYS B 325 -10.59 4.84 -2.19
CA LYS B 325 -11.48 5.60 -3.04
C LYS B 325 -11.31 5.22 -4.50
N THR B 326 -10.56 4.18 -4.78
CA THR B 326 -10.20 3.91 -6.16
C THR B 326 -10.85 2.64 -6.62
N ILE B 327 -11.49 1.93 -5.70
CA ILE B 327 -11.93 0.56 -5.96
C ILE B 327 -13.36 0.50 -6.41
N LYS B 328 -13.65 -0.36 -7.36
CA LYS B 328 -15.04 -0.56 -7.79
C LYS B 328 -15.58 -1.94 -7.41
N ASN B 329 -16.50 -1.97 -6.45
CA ASN B 329 -17.29 -3.14 -6.21
C ASN B 329 -18.31 -3.25 -7.31
N THR B 330 -18.88 -4.44 -7.45
CA THR B 330 -19.77 -4.70 -8.56
C THR B 330 -21.06 -5.21 -7.99
N VAL B 331 -21.96 -4.28 -7.73
CA VAL B 331 -23.15 -4.53 -6.92
C VAL B 331 -24.35 -5.05 -7.71
N SER B 332 -25.21 -5.83 -7.05
CA SER B 332 -26.47 -6.28 -7.65
C SER B 332 -27.54 -6.57 -6.61
N VAL B 333 -28.75 -6.78 -7.11
CA VAL B 333 -29.87 -7.04 -6.25
C VAL B 333 -29.90 -8.52 -5.98
N ASN B 334 -29.92 -8.88 -4.70
CA ASN B 334 -30.01 -10.27 -4.32
C ASN B 334 -31.34 -10.53 -3.64
N HIS B 335 -31.94 -11.66 -3.97
CA HIS B 335 -33.33 -11.89 -3.61
C HIS B 335 -33.48 -13.10 -2.70
N HIS B 336 -33.11 -12.96 -1.43
CA HIS B 336 -33.16 -14.10 -0.49
C HIS B 336 -34.49 -14.37 0.23
N HIS B 337 -34.56 -15.55 0.84
CA HIS B 337 -35.73 -16.15 1.50
C HIS B 337 -35.72 -15.83 3.01
N HIS B 338 -36.85 -16.00 3.72
CA HIS B 338 -36.92 -15.65 5.17
C HIS B 338 -36.46 -16.78 6.12
S SO4 C . 10.55 -3.77 -18.73
O1 SO4 C . 11.93 -4.14 -19.12
O2 SO4 C . 10.59 -3.12 -17.39
O3 SO4 C . 10.02 -2.74 -19.67
O4 SO4 C . 9.73 -5.03 -18.71
S SO4 D . -11.74 6.86 18.29
O1 SO4 D . -10.89 6.25 19.33
O2 SO4 D . -12.54 7.86 19.07
O3 SO4 D . -10.88 7.43 17.19
O4 SO4 D . -12.62 5.91 17.57
#